data_8QBC
#
_entry.id   8QBC
#
_cell.length_a   39.842
_cell.length_b   47.157
_cell.length_c   76.241
_cell.angle_alpha   90.00
_cell.angle_beta   90.00
_cell.angle_gamma   90.00
#
_symmetry.space_group_name_H-M   'P 21 21 21'
#
loop_
_entity.id
_entity.type
_entity.pdbx_description
1 polymer Myoglobin
2 non-polymer 'ACETATE ION'
3 non-polymer 'PROTOPORPHYRIN IX CONTAINING FE'
4 non-polymer 'ethyl glycinate'
5 water water
#
_entity_poly.entity_id   1
_entity_poly.type   'polypeptide(L)'
_entity_poly.pdbx_seq_one_letter_code
;MVLSEGEWQLVLHVWAKVEADVAGHGQDILIRLFKSHPETLEKFDRFKHLKTEAEMKASEDLKKVGVTALTALGAILKKK
GHHEAELKPLAQSHATKHKIPIKYLEFISEAIIHVLHSRHPGDFGADAQGAMNKALELFRKDIAAKYKELGYQGG
;
_entity_poly.pdbx_strand_id   A
#
loop_
_chem_comp.id
_chem_comp.type
_chem_comp.name
_chem_comp.formula
ACT non-polymer 'ACETATE ION' 'C2 H3 O2 -1'
HEM non-polymer 'PROTOPORPHYRIN IX CONTAINING FE' 'C34 H32 Fe N4 O4'
#
# COMPACT_ATOMS: atom_id res chain seq x y z
N MET A 1 -6.40 16.31 -11.79
N MET A 1 -4.57 14.95 -11.62
CA MET A 1 -6.02 14.88 -11.77
CA MET A 1 -6.04 14.85 -11.85
C MET A 1 -6.74 14.22 -10.60
C MET A 1 -6.74 14.27 -10.60
N VAL A 2 -8.07 14.38 -10.56
CA VAL A 2 -8.99 13.85 -9.48
C VAL A 2 -8.82 14.60 -8.15
N LEU A 3 -7.71 14.38 -7.45
CA LEU A 3 -7.35 15.19 -6.30
C LEU A 3 -6.90 16.56 -6.79
N SER A 4 -6.94 17.54 -5.90
CA SER A 4 -6.38 18.85 -6.26
C SER A 4 -4.86 18.79 -6.27
N GLU A 5 -4.24 19.81 -6.89
CA GLU A 5 -2.79 19.88 -6.87
C GLU A 5 -2.27 19.99 -5.44
N GLY A 6 -2.94 20.77 -4.58
CA GLY A 6 -2.51 20.86 -3.20
C GLY A 6 -2.59 19.51 -2.51
N GLU A 7 -3.63 18.73 -2.81
CA GLU A 7 -3.73 17.39 -2.21
C GLU A 7 -2.59 16.49 -2.68
N TRP A 8 -2.28 16.50 -3.99
CA TRP A 8 -1.18 15.68 -4.46
C TRP A 8 0.12 16.12 -3.83
N GLN A 9 0.28 17.42 -3.58
CA GLN A 9 1.52 17.87 -2.97
C GLN A 9 1.65 17.35 -1.55
N LEU A 10 0.55 17.29 -0.78
CA LEU A 10 0.59 16.69 0.54
C LEU A 10 0.96 15.21 0.50
N VAL A 11 0.39 14.49 -0.48
CA VAL A 11 0.68 13.07 -0.63
C VAL A 11 2.16 12.89 -0.90
N LEU A 12 2.70 13.68 -1.83
CA LEU A 12 4.09 13.46 -2.23
C LEU A 12 5.05 13.99 -1.20
N HIS A 13 4.63 14.98 -0.40
CA HIS A 13 5.47 15.45 0.69
C HIS A 13 5.69 14.33 1.72
N VAL A 14 4.60 13.68 2.18
CA VAL A 14 4.79 12.58 3.12
C VAL A 14 5.48 11.39 2.47
N TRP A 15 5.26 11.18 1.15
CA TRP A 15 5.92 10.07 0.50
C TRP A 15 7.41 10.26 0.47
N ALA A 16 7.87 11.49 0.34
CA ALA A 16 9.31 11.74 0.41
C ALA A 16 9.87 11.32 1.76
N LYS A 17 9.09 11.46 2.83
CA LYS A 17 9.51 10.94 4.13
C LYS A 17 9.59 9.41 4.12
N VAL A 18 8.63 8.74 3.48
CA VAL A 18 8.69 7.28 3.38
C VAL A 18 9.97 6.87 2.65
N GLU A 19 10.34 7.62 1.60
CA GLU A 19 11.50 7.26 0.81
C GLU A 19 12.80 7.37 1.57
N ALA A 20 12.83 7.99 2.75
CA ALA A 20 14.06 7.98 3.54
C ALA A 20 14.33 6.60 4.13
N ASP A 21 13.31 5.75 4.22
CA ASP A 21 13.51 4.42 4.80
C ASP A 21 12.40 3.52 4.26
N VAL A 22 12.44 3.21 2.98
CA VAL A 22 11.37 2.40 2.39
C VAL A 22 11.26 1.06 3.07
N ALA A 23 12.40 0.41 3.31
CA ALA A 23 12.40 -0.90 3.95
C ALA A 23 11.69 -0.86 5.31
N GLY A 24 12.07 0.09 6.18
CA GLY A 24 11.46 0.10 7.49
C GLY A 24 9.98 0.41 7.44
N HIS A 25 9.56 1.33 6.56
CA HIS A 25 8.14 1.59 6.42
C HIS A 25 7.41 0.35 5.93
N GLY A 26 8.01 -0.38 4.97
CA GLY A 26 7.36 -1.58 4.46
C GLY A 26 7.19 -2.64 5.51
N GLN A 27 8.23 -2.87 6.33
CA GLN A 27 8.13 -3.86 7.40
C GLN A 27 7.05 -3.46 8.38
N ASP A 28 7.01 -2.16 8.75
CA ASP A 28 6.07 -1.78 9.77
C ASP A 28 4.65 -1.82 9.25
N ILE A 29 4.46 -1.52 7.97
CA ILE A 29 3.13 -1.60 7.40
C ILE A 29 2.66 -3.03 7.34
N LEU A 30 3.50 -3.97 6.92
CA LEU A 30 3.09 -5.37 6.91
C LEU A 30 2.80 -5.87 8.31
N ILE A 31 3.65 -5.53 9.29
CA ILE A 31 3.42 -6.01 10.65
C ILE A 31 2.10 -5.44 11.20
N ARG A 32 1.83 -4.17 10.92
CA ARG A 32 0.57 -3.59 11.35
C ARG A 32 -0.62 -4.27 10.67
N LEU A 33 -0.52 -4.54 9.36
CA LEU A 33 -1.57 -5.23 8.62
C LEU A 33 -1.86 -6.59 9.22
N PHE A 34 -0.81 -7.37 9.50
CA PHE A 34 -1.00 -8.73 10.01
C PHE A 34 -1.56 -8.72 11.42
N LYS A 35 -1.18 -7.73 12.23
CA LYS A 35 -1.69 -7.63 13.59
C LYS A 35 -3.16 -7.23 13.59
N SER A 36 -3.52 -6.25 12.73
CA SER A 36 -4.87 -5.70 12.73
C SER A 36 -5.85 -6.62 12.01
N HIS A 37 -5.38 -7.33 11.00
CA HIS A 37 -6.26 -8.09 10.12
C HIS A 37 -5.57 -9.41 9.86
N PRO A 38 -5.66 -10.34 10.82
CA PRO A 38 -4.78 -11.52 10.76
C PRO A 38 -5.04 -12.42 9.57
N GLU A 39 -6.23 -12.38 8.97
CA GLU A 39 -6.48 -13.23 7.81
C GLU A 39 -5.53 -12.91 6.66
N THR A 40 -4.98 -11.68 6.62
CA THR A 40 -4.12 -11.28 5.50
C THR A 40 -2.81 -12.03 5.46
N LEU A 41 -2.32 -12.50 6.62
CA LEU A 41 -1.03 -13.18 6.62
C LEU A 41 -1.10 -14.48 5.79
N GLU A 42 -2.29 -15.07 5.65
CA GLU A 42 -2.39 -16.31 4.90
C GLU A 42 -2.04 -16.15 3.43
N LYS A 43 -2.06 -14.92 2.90
CA LYS A 43 -1.71 -14.70 1.50
C LYS A 43 -0.21 -14.75 1.25
N PHE A 44 0.62 -14.77 2.31
CA PHE A 44 2.07 -14.69 2.15
C PHE A 44 2.66 -16.03 2.59
N ASP A 45 2.83 -16.95 1.63
CA ASP A 45 3.19 -18.33 1.95
C ASP A 45 4.53 -18.40 2.66
N ARG A 46 5.46 -17.54 2.30
CA ARG A 46 6.81 -17.63 2.84
C ARG A 46 6.95 -16.89 4.15
N PHE A 47 5.85 -16.32 4.68
CA PHE A 47 5.97 -15.59 5.95
C PHE A 47 5.34 -16.35 7.11
N LYS A 48 4.76 -17.53 6.86
CA LYS A 48 3.93 -18.14 7.90
C LYS A 48 4.74 -18.63 9.07
N HIS A 49 6.04 -18.90 8.89
CA HIS A 49 6.90 -19.29 9.99
C HIS A 49 7.47 -18.10 10.76
N LEU A 50 7.14 -16.88 10.38
CA LEU A 50 7.61 -15.68 11.12
C LEU A 50 6.56 -15.40 12.18
N LYS A 51 6.84 -15.82 13.40
CA LYS A 51 5.83 -15.82 14.44
C LYS A 51 5.80 -14.54 15.28
N THR A 52 6.89 -13.82 15.35
CA THR A 52 6.99 -12.64 16.20
C THR A 52 7.29 -11.41 15.33
N GLU A 53 7.05 -10.22 15.92
CA GLU A 53 7.39 -8.99 15.22
CA GLU A 53 7.40 -8.99 15.22
C GLU A 53 8.89 -8.97 14.90
N ALA A 54 9.73 -9.36 15.87
CA ALA A 54 11.16 -9.30 15.62
C ALA A 54 11.57 -10.27 14.51
N GLU A 55 10.93 -11.43 14.40
CA GLU A 55 11.22 -12.32 13.29
C GLU A 55 10.82 -11.68 11.96
N MET A 56 9.68 -10.99 11.95
CA MET A 56 9.30 -10.32 10.73
C MET A 56 10.28 -9.21 10.35
N LYS A 57 10.77 -8.47 11.34
N LYS A 57 10.76 -8.47 11.35
CA LYS A 57 11.71 -7.40 11.04
CA LYS A 57 11.70 -7.39 11.07
C LYS A 57 13.07 -7.92 10.64
C LYS A 57 13.07 -7.91 10.65
N ALA A 58 13.43 -9.12 11.07
CA ALA A 58 14.72 -9.69 10.70
C ALA A 58 14.68 -10.36 9.34
N SER A 59 13.49 -10.60 8.77
CA SER A 59 13.38 -11.37 7.54
C SER A 59 13.75 -10.50 6.33
N GLU A 60 14.86 -10.86 5.74
CA GLU A 60 15.20 -10.12 4.45
CA GLU A 60 15.23 -10.18 4.47
C GLU A 60 14.16 -10.31 3.32
N ASP A 61 13.56 -11.50 3.30
CA ASP A 61 12.52 -11.75 2.32
C ASP A 61 11.36 -10.79 2.53
N LEU A 62 10.85 -10.70 3.77
CA LEU A 62 9.77 -9.77 4.05
C LEU A 62 10.15 -8.32 3.71
N LYS A 63 11.35 -7.92 4.09
CA LYS A 63 11.77 -6.55 3.80
C LYS A 63 11.79 -6.28 2.31
N LYS A 64 12.27 -7.24 1.52
N LYS A 64 12.27 -7.23 1.52
CA LYS A 64 12.34 -7.05 0.08
CA LYS A 64 12.33 -7.03 0.07
C LYS A 64 10.94 -7.00 -0.53
C LYS A 64 10.94 -7.00 -0.53
N VAL A 65 10.04 -7.87 -0.06
CA VAL A 65 8.66 -7.82 -0.53
C VAL A 65 8.03 -6.45 -0.24
N GLY A 66 8.28 -5.91 0.96
CA GLY A 66 7.70 -4.62 1.29
C GLY A 66 8.27 -3.51 0.45
N VAL A 67 9.59 -3.54 0.16
CA VAL A 67 10.17 -2.47 -0.66
C VAL A 67 9.66 -2.56 -2.09
N THR A 68 9.52 -3.78 -2.62
CA THR A 68 8.99 -3.90 -3.97
C THR A 68 7.59 -3.29 -4.05
N ALA A 69 6.75 -3.62 -3.06
CA ALA A 69 5.39 -3.10 -3.05
C ALA A 69 5.34 -1.59 -2.89
N LEU A 70 6.06 -1.04 -1.91
CA LEU A 70 6.02 0.40 -1.70
C LEU A 70 6.63 1.16 -2.87
N THR A 71 7.63 0.57 -3.54
N THR A 71 7.62 0.59 -3.56
CA THR A 71 8.20 1.19 -4.73
CA THR A 71 8.16 1.27 -4.72
C THR A 71 7.13 1.31 -5.82
C THR A 71 7.11 1.34 -5.83
N ALA A 72 6.33 0.27 -6.01
CA ALA A 72 5.25 0.33 -6.98
C ALA A 72 4.22 1.38 -6.57
N LEU A 73 3.86 1.43 -5.29
CA LEU A 73 2.88 2.43 -4.85
C LEU A 73 3.41 3.83 -5.06
N GLY A 74 4.67 4.05 -4.69
CA GLY A 74 5.22 5.39 -4.86
C GLY A 74 5.23 5.84 -6.31
N ALA A 75 5.55 4.94 -7.24
CA ALA A 75 5.54 5.27 -8.66
C ALA A 75 4.12 5.63 -9.09
N ILE A 76 3.11 4.93 -8.55
CA ILE A 76 1.73 5.23 -8.87
C ILE A 76 1.33 6.61 -8.33
N LEU A 77 1.68 6.89 -7.06
CA LEU A 77 1.27 8.16 -6.47
C LEU A 77 1.90 9.34 -7.21
N LYS A 78 3.14 9.15 -7.68
CA LYS A 78 3.81 10.22 -8.41
C LYS A 78 3.14 10.53 -9.75
N LYS A 79 2.30 9.62 -10.28
CA LYS A 79 1.57 9.93 -11.51
C LYS A 79 0.34 10.79 -11.27
N LYS A 80 0.02 11.07 -10.01
CA LYS A 80 -1.08 11.97 -9.67
C LYS A 80 -2.38 11.60 -10.42
N GLY A 81 -2.72 10.30 -10.38
CA GLY A 81 -3.96 9.82 -10.96
C GLY A 81 -3.81 9.26 -12.35
N HIS A 82 -2.71 9.61 -13.05
CA HIS A 82 -2.51 9.17 -14.45
C HIS A 82 -1.75 7.85 -14.41
N HIS A 83 -2.41 6.81 -13.91
CA HIS A 83 -1.71 5.59 -13.53
C HIS A 83 -2.24 4.30 -14.18
N GLU A 84 -3.06 4.38 -15.24
CA GLU A 84 -3.53 3.14 -15.84
C GLU A 84 -2.39 2.20 -16.21
N ALA A 85 -1.31 2.72 -16.81
CA ALA A 85 -0.22 1.83 -17.28
C ALA A 85 0.49 1.13 -16.14
N GLU A 86 0.49 1.73 -14.96
CA GLU A 86 1.10 1.14 -13.78
C GLU A 86 0.15 0.19 -13.03
N LEU A 87 -1.15 0.44 -13.07
CA LEU A 87 -2.12 -0.38 -12.36
CA LEU A 87 -2.11 -0.40 -12.35
C LEU A 87 -2.40 -1.69 -13.06
N LYS A 88 -2.39 -1.70 -14.39
CA LYS A 88 -2.75 -2.92 -15.12
C LYS A 88 -1.95 -4.13 -14.65
N PRO A 89 -0.61 -4.09 -14.60
CA PRO A 89 0.11 -5.29 -14.17
C PRO A 89 -0.17 -5.64 -12.74
N LEU A 90 -0.32 -4.60 -11.90
CA LEU A 90 -0.59 -4.86 -10.50
CA LEU A 90 -0.61 -4.83 -10.49
C LEU A 90 -1.95 -5.56 -10.31
N ALA A 91 -2.96 -5.13 -11.05
CA ALA A 91 -4.24 -5.82 -11.00
C ALA A 91 -4.12 -7.26 -11.49
N GLN A 92 -3.40 -7.48 -12.59
CA GLN A 92 -3.27 -8.87 -13.07
C GLN A 92 -2.68 -9.75 -12.00
N SER A 93 -1.58 -9.31 -11.38
CA SER A 93 -0.96 -10.21 -10.42
C SER A 93 -1.80 -10.33 -9.17
N HIS A 94 -2.38 -9.20 -8.66
CA HIS A 94 -3.08 -9.32 -7.40
C HIS A 94 -4.43 -9.98 -7.55
N ALA A 95 -5.10 -9.81 -8.68
CA ALA A 95 -6.38 -10.50 -8.89
C ALA A 95 -6.15 -11.99 -9.17
N THR A 96 -5.22 -12.31 -10.08
CA THR A 96 -5.20 -13.66 -10.65
C THR A 96 -4.17 -14.58 -10.04
N LYS A 97 -3.12 -14.04 -9.41
CA LYS A 97 -2.10 -14.88 -8.83
C LYS A 97 -2.17 -14.82 -7.31
N HIS A 98 -2.09 -13.63 -6.72
CA HIS A 98 -2.05 -13.57 -5.27
C HIS A 98 -3.43 -13.68 -4.68
N LYS A 99 -4.46 -13.34 -5.45
CA LYS A 99 -5.86 -13.49 -5.08
C LYS A 99 -6.20 -12.58 -3.91
N ILE A 100 -5.99 -11.28 -4.09
CA ILE A 100 -6.18 -10.30 -3.03
C ILE A 100 -7.51 -9.59 -3.21
N PRO A 101 -8.47 -9.75 -2.30
CA PRO A 101 -9.72 -8.99 -2.43
C PRO A 101 -9.48 -7.50 -2.22
N ILE A 102 -10.37 -6.69 -2.79
CA ILE A 102 -10.26 -5.24 -2.64
C ILE A 102 -10.30 -4.86 -1.18
N LYS A 103 -11.10 -5.57 -0.37
CA LYS A 103 -11.10 -5.27 1.06
C LYS A 103 -9.68 -5.35 1.66
N TYR A 104 -8.86 -6.31 1.24
CA TYR A 104 -7.50 -6.34 1.77
C TYR A 104 -6.69 -5.11 1.38
N LEU A 105 -6.97 -4.52 0.21
CA LEU A 105 -6.33 -3.27 -0.16
C LEU A 105 -6.79 -2.13 0.74
N GLU A 106 -8.03 -2.20 1.24
CA GLU A 106 -8.48 -1.27 2.27
C GLU A 106 -7.70 -1.48 3.55
N PHE A 107 -7.53 -2.74 3.96
CA PHE A 107 -6.80 -3.02 5.18
C PHE A 107 -5.36 -2.50 5.08
N ILE A 108 -4.69 -2.72 3.95
CA ILE A 108 -3.30 -2.23 3.88
C ILE A 108 -3.27 -0.72 3.81
N SER A 109 -4.28 -0.10 3.19
CA SER A 109 -4.36 1.36 3.20
CA SER A 109 -4.37 1.36 3.20
C SER A 109 -4.46 1.90 4.63
N GLU A 110 -5.24 1.22 5.49
CA GLU A 110 -5.34 1.63 6.88
C GLU A 110 -3.97 1.54 7.54
N ALA A 111 -3.26 0.46 7.26
CA ALA A 111 -1.93 0.27 7.85
C ALA A 111 -0.94 1.32 7.36
N ILE A 112 -1.02 1.69 6.07
CA ILE A 112 -0.19 2.75 5.54
C ILE A 112 -0.43 4.05 6.30
N ILE A 113 -1.69 4.44 6.44
CA ILE A 113 -2.02 5.69 7.12
CA ILE A 113 -2.00 5.69 7.11
C ILE A 113 -1.51 5.63 8.56
N HIS A 114 -1.71 4.49 9.22
CA HIS A 114 -1.29 4.35 10.61
C HIS A 114 0.21 4.55 10.75
N VAL A 115 0.99 3.89 9.91
CA VAL A 115 2.45 3.96 10.04
C VAL A 115 2.95 5.35 9.67
N LEU A 116 2.39 5.95 8.63
CA LEU A 116 2.83 7.28 8.24
C LEU A 116 2.55 8.30 9.36
N HIS A 117 1.40 8.15 10.04
CA HIS A 117 1.10 9.08 11.12
C HIS A 117 1.98 8.80 12.33
N SER A 118 2.25 7.52 12.60
CA SER A 118 3.11 7.16 13.74
CA SER A 118 3.10 7.15 13.73
C SER A 118 4.51 7.72 13.59
N ARG A 119 5.04 7.71 12.37
CA ARG A 119 6.40 8.13 12.13
C ARG A 119 6.55 9.60 11.82
N HIS A 120 5.55 10.23 11.18
CA HIS A 120 5.69 11.58 10.67
C HIS A 120 4.53 12.49 11.04
N PRO A 121 4.15 12.54 12.31
CA PRO A 121 2.96 13.33 12.65
C PRO A 121 3.09 14.79 12.24
N GLY A 122 4.28 15.39 12.36
CA GLY A 122 4.44 16.79 11.98
C GLY A 122 4.38 17.03 10.48
N ASP A 123 4.41 15.97 9.68
CA ASP A 123 4.31 16.08 8.23
C ASP A 123 3.11 15.33 7.69
N PHE A 124 2.17 14.94 8.53
CA PHE A 124 1.04 14.12 8.11
C PHE A 124 -0.15 14.43 9.03
N GLY A 125 -0.56 15.69 9.04
CA GLY A 125 -1.74 16.13 9.77
C GLY A 125 -3.01 15.81 9.00
N ALA A 126 -4.10 16.42 9.47
CA ALA A 126 -5.45 16.08 8.99
C ALA A 126 -5.58 16.29 7.48
N ASP A 127 -5.08 17.42 6.97
CA ASP A 127 -5.24 17.66 5.54
C ASP A 127 -4.45 16.63 4.73
N ALA A 128 -3.25 16.29 5.20
CA ALA A 128 -2.43 15.33 4.50
C ALA A 128 -3.02 13.93 4.59
N GLN A 129 -3.58 13.57 5.77
CA GLN A 129 -4.24 12.28 5.90
C GLN A 129 -5.43 12.19 4.93
N GLY A 130 -6.21 13.27 4.83
CA GLY A 130 -7.34 13.27 3.92
C GLY A 130 -6.90 13.13 2.48
N ALA A 131 -5.81 13.82 2.11
CA ALA A 131 -5.27 13.71 0.76
C ALA A 131 -4.80 12.28 0.47
N MET A 132 -4.05 11.69 1.40
CA MET A 132 -3.58 10.33 1.20
C MET A 132 -4.73 9.35 1.13
N ASN A 133 -5.74 9.53 1.99
N ASN A 133 -5.74 9.55 1.98
CA ASN A 133 -6.91 8.65 1.87
CA ASN A 133 -6.94 8.72 1.92
C ASN A 133 -7.57 8.78 0.49
C ASN A 133 -7.58 8.79 0.53
N LYS A 134 -7.70 9.99 -0.04
CA LYS A 134 -8.29 10.15 -1.37
C LYS A 134 -7.43 9.48 -2.43
N ALA A 135 -6.11 9.60 -2.31
CA ALA A 135 -5.21 8.99 -3.28
C ALA A 135 -5.30 7.46 -3.22
N LEU A 136 -5.39 6.89 -2.00
CA LEU A 136 -5.50 5.44 -1.90
C LEU A 136 -6.88 4.97 -2.30
N GLU A 137 -7.92 5.79 -2.06
CA GLU A 137 -9.25 5.45 -2.53
CA GLU A 137 -9.24 5.44 -2.53
C GLU A 137 -9.29 5.41 -4.04
N LEU A 138 -8.63 6.38 -4.70
CA LEU A 138 -8.58 6.39 -6.17
C LEU A 138 -7.85 5.14 -6.67
N PHE A 139 -6.70 4.82 -6.08
CA PHE A 139 -5.97 3.60 -6.39
C PHE A 139 -6.89 2.37 -6.29
N ARG A 140 -7.64 2.26 -5.17
CA ARG A 140 -8.47 1.08 -4.98
C ARG A 140 -9.62 1.05 -5.96
N LYS A 141 -10.23 2.21 -6.24
CA LYS A 141 -11.34 2.26 -7.20
C LYS A 141 -10.85 1.81 -8.57
N ASP A 142 -9.71 2.36 -9.00
CA ASP A 142 -9.21 2.05 -10.35
C ASP A 142 -8.75 0.60 -10.44
N ILE A 143 -8.12 0.08 -9.39
CA ILE A 143 -7.71 -1.29 -9.48
CA ILE A 143 -7.70 -1.32 -9.35
C ILE A 143 -8.92 -2.22 -9.43
N ALA A 144 -9.98 -1.86 -8.73
CA ALA A 144 -11.17 -2.69 -8.72
C ALA A 144 -11.78 -2.76 -10.11
N ALA A 145 -11.73 -1.66 -10.86
CA ALA A 145 -12.23 -1.65 -12.24
C ALA A 145 -11.38 -2.55 -13.11
N LYS A 146 -10.06 -2.55 -12.89
CA LYS A 146 -9.21 -3.42 -13.67
C LYS A 146 -9.43 -4.90 -13.31
N TYR A 147 -9.62 -5.21 -12.02
CA TYR A 147 -10.01 -6.55 -11.62
C TYR A 147 -11.22 -7.02 -12.45
N LYS A 148 -12.26 -6.19 -12.53
CA LYS A 148 -13.47 -6.62 -13.25
C LYS A 148 -13.15 -6.85 -14.71
N GLU A 149 -12.35 -5.97 -15.32
CA GLU A 149 -12.00 -6.12 -16.72
CA GLU A 149 -12.02 -6.14 -16.73
C GLU A 149 -11.37 -7.49 -17.00
N LEU A 150 -10.60 -8.00 -16.04
CA LEU A 150 -9.97 -9.32 -16.11
C LEU A 150 -10.90 -10.48 -15.74
N GLY A 151 -12.10 -10.17 -15.29
CA GLY A 151 -13.08 -11.18 -14.92
C GLY A 151 -13.13 -11.52 -13.45
N TYR A 152 -12.58 -10.66 -12.57
CA TYR A 152 -12.59 -10.85 -11.12
C TYR A 152 -13.37 -9.74 -10.42
N GLN A 153 -14.34 -10.12 -9.59
CA GLN A 153 -15.05 -9.09 -8.84
C GLN A 153 -14.24 -8.51 -7.69
N GLY A 154 -13.30 -9.27 -7.12
CA GLY A 154 -12.48 -8.77 -6.04
C GLY A 154 -13.20 -8.74 -4.72
N GLY A 155 -14.34 -9.42 -4.63
CA GLY A 155 -15.11 -9.39 -3.40
C GLY A 155 -14.58 -10.35 -2.35
C ACT B . 15.76 -13.16 0.45
O ACT B . 14.94 -13.19 -0.51
OXT ACT B . 16.82 -12.48 0.58
CH3 ACT B . 15.41 -14.08 1.64
C ACT C . -13.84 -13.08 -7.93
O ACT C . -13.10 -12.19 -7.39
OXT ACT C . -14.65 -12.96 -8.89
CH3 ACT C . -13.72 -14.52 -7.33
CHA HEM D . 3.59 -8.90 -4.48
CHB HEM D . 2.43 -4.23 -4.76
CHC HEM D . -1.21 -4.94 -1.65
CHD HEM D . -0.09 -9.62 -1.43
C1A HEM D . 3.58 -7.59 -4.85
C2A HEM D . 4.44 -6.97 -5.84
C3A HEM D . 4.13 -5.66 -5.89
C4A HEM D . 3.04 -5.44 -4.97
CMA HEM D . 4.72 -4.56 -6.79
CAA HEM D . 5.52 -7.72 -6.66
CBA HEM D . 5.01 -8.21 -8.01
CGA HEM D . 3.64 -8.84 -8.06
O1A HEM D . 3.56 -10.08 -7.84
O2A HEM D . 2.65 -8.13 -8.35
C1B HEM D . 1.36 -4.00 -3.93
C2B HEM D . 0.75 -2.72 -3.67
C3B HEM D . -0.26 -2.92 -2.82
C4B HEM D . -0.31 -4.34 -2.52
CMB HEM D . 1.23 -1.42 -4.32
CAB HEM D . -1.22 -1.91 -2.17
CBB HEM D . -0.82 -0.69 -1.86
C1C HEM D . -1.18 -6.27 -1.28
C2C HEM D . -2.00 -6.86 -0.25
C3C HEM D . -1.68 -8.15 -0.16
C4C HEM D . -0.67 -8.41 -1.16
CMC HEM D . -3.00 -6.05 0.61
CAC HEM D . -2.18 -9.27 0.77
CBC HEM D . -2.98 -9.09 1.83
C1D HEM D . 1.01 -9.82 -2.23
C2D HEM D . 1.72 -11.07 -2.38
C3D HEM D . 2.74 -10.88 -3.20
C4D HEM D . 2.71 -9.48 -3.61
CMD HEM D . 1.34 -12.38 -1.66
CAD HEM D . 3.82 -11.90 -3.64
CBD HEM D . 5.11 -11.58 -2.85
CGD HEM D . 6.21 -12.56 -3.21
O1D HEM D . 7.36 -12.10 -3.37
O2D HEM D . 5.93 -13.77 -3.33
NA HEM D . 2.72 -6.64 -4.33
NB HEM D . 0.69 -4.98 -3.21
NC HEM D . -0.38 -7.24 -1.84
ND HEM D . 1.62 -8.85 -3.01
FE HEM D . 1.13 -6.93 -3.11
C GEE E . 3.20 -5.42 0.36
N GEE E . 2.34 -6.66 -1.57
O GEE E . 4.23 -6.09 0.43
C1 GEE E . 4.12 -3.83 1.85
O1 GEE E . 3.00 -4.29 1.04
C2 GEE E . 3.67 -2.65 2.67
CA GEE E . 2.06 -5.72 -0.57
#